data_6HTJ
#
_entry.id   6HTJ
#
_cell.length_a   40.291
_cell.length_b   58.493
_cell.length_c   101.366
_cell.angle_alpha   90.000
_cell.angle_beta   90.000
_cell.angle_gamma   90.000
#
_symmetry.space_group_name_H-M   'P 21 21 21'
#
loop_
_entity.id
_entity.type
_entity.pdbx_description
1 polymer 'Nucleic-acid-binding protein containing a Zn-ribbon'
2 non-polymer 'ZINC ION'
3 water water
#
_entity_poly.entity_id   1
_entity_poly.type   'polypeptide(L)'
_entity_poly.pdbx_seq_one_letter_code
;MREEEIRELYFKYFDENKLPFIQCNKCGHKFYYPRVLCPKCGSSDIEVRFSKGLGKIFAMTKVYRKDGSYVIYGIVELEE
GFRMYSNIIEESQADINRKVEVIFKEINGKKYPLFKTVT
;
_entity_poly.pdbx_strand_id   A,B
#
# COMPACT_ATOMS: atom_id res chain seq x y z
N MET A 1 17.89 4.04 -2.28
CA MET A 1 17.74 3.15 -1.12
C MET A 1 16.90 1.93 -1.42
N ARG A 2 17.05 0.93 -0.56
CA ARG A 2 16.16 -0.23 -0.58
C ARG A 2 14.89 0.11 0.19
N GLU A 3 13.81 -0.60 -0.12
CA GLU A 3 12.52 -0.33 0.50
C GLU A 3 12.63 -0.47 2.03
N GLU A 4 13.35 -1.49 2.47
CA GLU A 4 13.55 -1.72 3.90
C GLU A 4 14.16 -0.51 4.59
N GLU A 5 15.10 0.12 3.90
CA GLU A 5 15.83 1.26 4.44
C GLU A 5 14.92 2.48 4.55
N ILE A 6 14.06 2.65 3.54
CA ILE A 6 13.10 3.75 3.58
C ILE A 6 12.14 3.55 4.73
N ARG A 7 11.67 2.31 4.92
CA ARG A 7 10.77 2.02 6.03
C ARG A 7 11.42 2.31 7.38
N GLU A 8 12.70 1.95 7.51
CA GLU A 8 13.43 2.24 8.74
C GLU A 8 13.49 3.74 9.01
N LEU A 9 13.74 4.52 7.95
CA LEU A 9 13.73 5.97 8.12
C LEU A 9 12.35 6.51 8.49
N TYR A 10 11.29 5.92 7.95
CA TYR A 10 9.93 6.29 8.37
C TYR A 10 9.77 6.11 9.87
N PHE A 11 10.22 4.96 10.39
CA PHE A 11 10.17 4.75 11.85
C PHE A 11 10.91 5.83 12.61
N LYS A 12 12.10 6.15 12.12
CA LYS A 12 12.88 7.26 12.69
C LYS A 12 12.09 8.57 12.74
N TYR A 13 11.42 8.92 11.64
CA TYR A 13 10.71 10.18 11.59
C TYR A 13 9.45 10.17 12.46
N PHE A 14 8.77 9.02 12.54
CA PHE A 14 7.68 8.88 13.51
C PHE A 14 8.17 9.18 14.92
N ASP A 15 9.33 8.63 15.29
CA ASP A 15 9.88 8.90 16.62
C ASP A 15 10.12 10.39 16.85
N GLU A 16 10.45 11.11 15.79
CA GLU A 16 10.65 12.55 15.83
C GLU A 16 9.36 13.36 15.65
N ASN A 17 8.21 12.69 15.70
CA ASN A 17 6.91 13.33 15.51
C ASN A 17 6.78 14.02 14.16
N LYS A 18 7.34 13.39 13.13
CA LYS A 18 7.25 13.92 11.79
C LYS A 18 6.49 12.94 10.91
N LEU A 19 5.72 13.48 9.97
CA LEU A 19 4.97 12.66 9.02
C LEU A 19 5.65 12.71 7.65
N PRO A 20 6.39 11.66 7.31
CA PRO A 20 7.04 11.64 5.99
C PRO A 20 6.09 11.21 4.89
N PHE A 21 6.43 11.56 3.66
CA PHE A 21 5.80 10.95 2.49
C PHE A 21 6.80 10.98 1.35
N ILE A 22 6.44 10.41 0.21
CA ILE A 22 7.35 10.39 -0.92
C ILE A 22 6.77 11.20 -2.07
N GLN A 23 7.61 11.98 -2.74
CA GLN A 23 7.20 12.57 -4.01
C GLN A 23 8.11 12.11 -5.14
N CYS A 24 7.47 11.76 -6.24
CA CYS A 24 8.16 11.35 -7.44
C CYS A 24 8.66 12.56 -8.22
N ASN A 25 9.96 12.60 -8.51
CA ASN A 25 10.52 13.69 -9.29
C ASN A 25 10.15 13.61 -10.77
N LYS A 26 9.79 12.41 -11.24
CA LYS A 26 9.51 12.24 -12.66
C LYS A 26 8.10 12.67 -13.04
N CYS A 27 7.13 12.32 -12.21
CA CYS A 27 5.72 12.55 -12.56
C CYS A 27 4.98 13.37 -11.50
N GLY A 28 5.66 13.73 -10.42
CA GLY A 28 5.07 14.58 -9.40
C GLY A 28 4.11 13.90 -8.42
N HIS A 29 3.86 12.61 -8.60
CA HIS A 29 2.95 11.87 -7.73
C HIS A 29 3.42 11.90 -6.28
N LYS A 30 2.49 12.08 -5.35
CA LYS A 30 2.81 12.04 -3.93
C LYS A 30 2.15 10.82 -3.32
N PHE A 31 2.88 10.09 -2.50
CA PHE A 31 2.33 8.88 -1.90
C PHE A 31 2.97 8.57 -0.56
N TYR A 32 2.18 8.03 0.35
CA TYR A 32 2.64 7.78 1.71
C TYR A 32 3.35 6.42 1.86
N TYR A 33 2.72 5.36 1.37
CA TYR A 33 3.24 4.02 1.61
C TYR A 33 4.58 3.86 0.91
N PRO A 34 5.64 3.57 1.68
CA PRO A 34 7.00 3.60 1.12
C PRO A 34 7.26 2.49 0.07
N ARG A 35 7.69 2.91 -1.11
CA ARG A 35 8.08 2.05 -2.22
C ARG A 35 9.31 2.64 -2.88
N VAL A 36 10.12 1.79 -3.51
CA VAL A 36 11.33 2.25 -4.20
C VAL A 36 11.01 2.74 -5.62
N LEU A 37 9.87 2.31 -6.15
CA LEU A 37 9.40 2.78 -7.44
C LEU A 37 8.07 3.51 -7.26
N CYS A 38 7.92 4.63 -7.96
CA CYS A 38 6.67 5.40 -7.95
C CYS A 38 5.50 4.53 -8.40
N PRO A 39 4.43 4.45 -7.58
CA PRO A 39 3.30 3.59 -7.98
C PRO A 39 2.54 4.09 -9.20
N LYS A 40 2.72 5.36 -9.57
CA LYS A 40 1.98 5.92 -10.70
C LYS A 40 2.75 5.76 -12.01
N CYS A 41 4.04 6.05 -12.00
CA CYS A 41 4.82 6.04 -13.25
C CYS A 41 5.98 5.06 -13.25
N GLY A 42 6.29 4.49 -12.09
CA GLY A 42 7.32 3.47 -12.01
C GLY A 42 8.74 3.95 -11.81
N SER A 43 8.92 5.26 -11.75
CA SER A 43 10.26 5.84 -11.64
C SER A 43 10.92 5.57 -10.29
N SER A 44 12.24 5.41 -10.31
CA SER A 44 12.98 5.26 -9.06
C SER A 44 13.44 6.62 -8.53
N ASP A 45 13.14 7.68 -9.27
CA ASP A 45 13.62 9.02 -8.93
C ASP A 45 12.66 9.68 -7.97
N ILE A 46 12.76 9.28 -6.71
CA ILE A 46 11.81 9.69 -5.68
C ILE A 46 12.53 10.39 -4.53
N GLU A 47 11.80 11.17 -3.76
CA GLU A 47 12.40 11.85 -2.62
C GLU A 47 11.45 11.84 -1.44
N VAL A 48 12.01 11.73 -0.22
CA VAL A 48 11.19 11.81 0.97
C VAL A 48 11.00 13.27 1.33
N ARG A 49 9.75 13.64 1.61
CA ARG A 49 9.38 14.97 2.08
C ARG A 49 8.66 14.84 3.40
N PHE A 50 8.35 15.98 4.01
CA PHE A 50 7.62 15.98 5.27
C PHE A 50 6.34 16.81 5.15
N SER A 51 5.26 16.24 5.66
CA SER A 51 3.96 16.86 5.68
C SER A 51 3.85 17.79 6.88
N LYS A 52 3.04 18.83 6.77
CA LYS A 52 2.75 19.67 7.93
C LYS A 52 1.89 18.90 8.93
N GLY A 53 1.27 17.81 8.46
CA GLY A 53 0.44 16.98 9.30
C GLY A 53 -0.99 17.45 9.40
N LEU A 54 -1.35 18.42 8.57
CA LEU A 54 -2.73 18.92 8.52
C LEU A 54 -3.50 18.26 7.41
N GLY A 55 -4.71 17.79 7.71
CA GLY A 55 -5.52 17.18 6.67
C GLY A 55 -6.99 17.28 6.93
N LYS A 56 -7.75 16.49 6.19
CA LYS A 56 -9.19 16.40 6.42
C LYS A 56 -9.61 14.95 6.25
N ILE A 57 -10.77 14.60 6.81
CA ILE A 57 -11.29 13.25 6.69
C ILE A 57 -11.93 13.05 5.32
N PHE A 58 -11.32 12.19 4.51
CA PHE A 58 -11.86 11.88 3.19
C PHE A 58 -12.97 10.86 3.31
N ALA A 59 -12.72 9.81 4.09
CA ALA A 59 -13.70 8.76 4.33
C ALA A 59 -13.47 8.20 5.73
N MET A 60 -14.50 7.60 6.30
CA MET A 60 -14.36 7.04 7.64
C MET A 60 -15.42 5.99 7.88
N THR A 61 -15.09 5.07 8.76
CA THR A 61 -16.04 4.07 9.19
C THR A 61 -15.88 3.87 10.70
N LYS A 62 -16.90 3.36 11.35
CA LYS A 62 -16.81 3.05 12.75
C LYS A 62 -16.53 1.56 12.91
N VAL A 63 -15.47 1.24 13.63
CA VAL A 63 -15.06 -0.13 13.84
C VAL A 63 -15.31 -0.52 15.29
N TYR A 64 -15.98 -1.66 15.48
CA TYR A 64 -16.34 -2.12 16.81
C TYR A 64 -15.11 -2.47 17.63
N ARG A 65 -15.13 -2.05 18.90
CA ARG A 65 -14.14 -2.44 19.89
C ARG A 65 -14.81 -3.36 20.89
N LYS A 66 -14.06 -4.36 21.37
CA LYS A 66 -14.66 -5.44 22.13
C LYS A 66 -14.96 -5.10 23.59
N ASP A 67 -14.79 -3.84 23.98
CA ASP A 67 -15.34 -3.38 25.25
C ASP A 67 -16.75 -2.83 25.04
N GLY A 68 -17.29 -3.06 23.85
CA GLY A 68 -18.63 -2.60 23.52
C GLY A 68 -18.66 -1.13 23.15
N SER A 69 -17.71 -0.70 22.32
CA SER A 69 -17.72 0.65 21.80
C SER A 69 -17.22 0.63 20.37
N TYR A 70 -16.80 1.79 19.87
CA TYR A 70 -16.24 1.83 18.53
C TYR A 70 -15.04 2.76 18.48
N VAL A 71 -14.27 2.61 17.41
CA VAL A 71 -13.19 3.53 17.08
C VAL A 71 -13.41 3.97 15.63
N ILE A 72 -12.90 5.14 15.29
CA ILE A 72 -12.99 5.60 13.92
C ILE A 72 -11.74 5.24 13.16
N TYR A 73 -11.96 4.62 12.01
CA TYR A 73 -10.90 4.29 11.08
C TYR A 73 -11.25 4.93 9.76
N GLY A 74 -10.27 5.56 9.14
CA GLY A 74 -10.59 6.23 7.90
C GLY A 74 -9.42 6.55 7.02
N ILE A 75 -9.72 7.34 6.01
CA ILE A 75 -8.72 7.85 5.09
C ILE A 75 -8.63 9.34 5.29
N VAL A 76 -7.41 9.80 5.53
CA VAL A 76 -7.14 11.22 5.70
C VAL A 76 -6.43 11.75 4.48
N GLU A 77 -6.92 12.88 3.97
CA GLU A 77 -6.24 13.58 2.90
C GLU A 77 -5.41 14.71 3.48
N LEU A 78 -4.09 14.59 3.38
CA LEU A 78 -3.20 15.66 3.83
C LEU A 78 -3.25 16.82 2.84
N GLU A 79 -3.00 18.03 3.34
CA GLU A 79 -3.04 19.22 2.50
C GLU A 79 -2.03 19.16 1.36
N GLU A 80 -0.95 18.42 1.54
CA GLU A 80 0.03 18.25 0.47
C GLU A 80 -0.56 17.49 -0.73
N GLY A 81 -1.70 16.83 -0.52
CA GLY A 81 -2.41 16.18 -1.62
C GLY A 81 -2.07 14.71 -1.77
N PHE A 82 -1.95 14.00 -0.66
CA PHE A 82 -1.94 12.54 -0.69
C PHE A 82 -2.82 12.03 0.45
N ARG A 83 -3.25 10.79 0.33
CA ARG A 83 -4.11 10.18 1.34
C ARG A 83 -3.41 9.05 2.06
N MET A 84 -3.84 8.80 3.29
CA MET A 84 -3.33 7.67 4.05
C MET A 84 -4.44 7.12 4.96
N TYR A 85 -4.31 5.84 5.31
CA TYR A 85 -5.22 5.21 6.24
C TYR A 85 -4.79 5.48 7.68
N SER A 86 -5.76 5.62 8.58
CA SER A 86 -5.41 5.94 9.96
C SER A 86 -6.59 5.78 10.88
N ASN A 87 -6.31 5.45 12.13
CA ASN A 87 -7.28 5.65 13.19
C ASN A 87 -7.44 7.14 13.42
N ILE A 88 -8.64 7.55 13.83
CA ILE A 88 -8.94 8.96 14.03
C ILE A 88 -9.56 9.16 15.41
N ILE A 89 -8.90 9.96 16.23
CA ILE A 89 -9.39 10.29 17.56
C ILE A 89 -10.37 11.45 17.49
N GLU A 90 -11.51 11.31 18.17
CA GLU A 90 -12.53 12.36 18.15
C GLU A 90 -12.38 13.33 19.31
N GLU A 91 -11.60 14.37 19.10
CA GLU A 91 -11.55 15.49 20.04
C GLU A 91 -12.88 16.23 19.92
N SER A 92 -13.22 16.62 18.70
CA SER A 92 -14.59 17.00 18.36
C SER A 92 -15.17 15.88 17.49
N GLN A 93 -16.48 15.89 17.25
CA GLN A 93 -17.11 14.82 16.48
C GLN A 93 -16.52 14.72 15.07
N ALA A 94 -16.20 13.51 14.66
CA ALA A 94 -15.66 13.30 13.31
C ALA A 94 -16.76 13.18 12.28
N ASP A 95 -16.55 13.82 11.14
CA ASP A 95 -17.41 13.63 9.99
C ASP A 95 -16.60 13.88 8.75
N ILE A 96 -17.15 13.52 7.59
CA ILE A 96 -16.48 13.73 6.32
C ILE A 96 -16.11 15.19 6.17
N ASN A 97 -14.87 15.43 5.72
CA ASN A 97 -14.33 16.76 5.45
C ASN A 97 -13.96 17.56 6.72
N ARG A 98 -14.15 16.98 7.89
CA ARG A 98 -13.67 17.60 9.12
C ARG A 98 -12.15 17.64 9.12
N LYS A 99 -11.59 18.74 9.61
CA LYS A 99 -10.15 18.87 9.63
C LYS A 99 -9.54 18.01 10.72
N VAL A 100 -8.35 17.48 10.45
CA VAL A 100 -7.61 16.70 11.42
C VAL A 100 -6.13 17.11 11.45
N GLU A 101 -5.45 16.75 12.53
CA GLU A 101 -4.00 16.91 12.57
C GLU A 101 -3.33 15.65 13.12
N VAL A 102 -2.11 15.42 12.67
CA VAL A 102 -1.37 14.21 12.99
C VAL A 102 -0.87 14.25 14.44
N ILE A 103 -0.96 13.10 15.09
CA ILE A 103 -0.42 12.90 16.42
C ILE A 103 0.30 11.57 16.39
N PHE A 104 1.07 11.28 17.43
CA PHE A 104 1.91 10.08 17.39
C PHE A 104 1.73 9.26 18.66
N LYS A 105 1.45 7.97 18.48
CA LYS A 105 1.20 7.09 19.61
C LYS A 105 2.16 5.90 19.64
N GLU A 106 2.54 5.50 20.83
CA GLU A 106 3.43 4.35 20.98
C GLU A 106 2.68 3.04 20.91
N ILE A 107 3.26 2.11 20.16
CA ILE A 107 2.80 0.73 20.07
C ILE A 107 4.05 -0.14 20.09
N ASN A 108 4.19 -0.98 21.11
CA ASN A 108 5.27 -1.92 21.26
C ASN A 108 6.62 -1.31 20.95
N GLY A 109 6.91 -0.22 21.62
CA GLY A 109 8.17 0.47 21.49
C GLY A 109 8.48 1.12 20.16
N LYS A 110 7.47 1.69 19.55
CA LYS A 110 7.59 2.37 18.30
C LYS A 110 6.39 3.25 18.14
N LYS A 111 6.65 4.49 17.85
CA LYS A 111 5.63 5.44 17.61
C LYS A 111 5.15 5.32 16.18
N TYR A 112 3.86 5.52 16.04
CA TYR A 112 3.15 5.49 14.77
C TYR A 112 2.25 6.70 14.68
N PRO A 113 2.02 7.20 13.46
CA PRO A 113 1.11 8.33 13.27
C PRO A 113 -0.34 7.90 13.33
N LEU A 114 -1.17 8.75 13.89
CA LEU A 114 -2.62 8.68 13.69
C LEU A 114 -3.11 10.13 13.68
N PHE A 115 -4.42 10.32 13.69
CA PHE A 115 -4.95 11.66 13.57
C PHE A 115 -5.98 11.97 14.64
N LYS A 116 -6.15 13.24 14.88
CA LYS A 116 -7.20 13.69 15.76
C LYS A 116 -7.93 14.83 15.10
N THR A 117 -9.20 14.95 15.38
CA THR A 117 -9.95 16.06 14.92
C THR A 117 -9.50 17.34 15.68
N VAL A 118 -9.72 18.43 15.04
CA VAL A 118 -9.32 19.74 15.50
C VAL A 118 -10.52 20.49 16.08
N THR A 119 -10.27 21.38 17.00
CA THR A 119 -11.35 22.15 17.54
C THR A 119 -11.22 23.53 16.93
N ARG B 2 -11.87 -6.77 9.93
CA ARG B 2 -11.10 -5.65 9.52
C ARG B 2 -9.92 -6.02 8.70
N GLU B 3 -8.95 -5.15 8.69
CA GLU B 3 -7.79 -5.28 7.90
C GLU B 3 -6.98 -6.49 8.19
N GLU B 4 -6.66 -6.72 9.46
CA GLU B 4 -5.83 -7.85 9.80
C GLU B 4 -6.32 -9.19 9.27
N GLU B 5 -7.60 -9.37 9.23
CA GLU B 5 -8.34 -10.51 8.70
C GLU B 5 -8.15 -10.62 7.19
N ILE B 6 -8.23 -9.49 6.49
CA ILE B 6 -8.06 -9.51 5.03
C ILE B 6 -6.66 -10.03 4.65
N ARG B 7 -5.65 -9.54 5.35
CA ARG B 7 -4.30 -9.97 5.13
C ARG B 7 -4.18 -11.46 5.31
N GLU B 8 -4.76 -11.95 6.40
CA GLU B 8 -4.75 -13.38 6.70
C GLU B 8 -5.39 -14.15 5.56
N LEU B 9 -6.53 -13.65 5.08
CA LEU B 9 -7.22 -14.28 4.00
C LEU B 9 -6.34 -14.37 2.76
N TYR B 10 -5.62 -13.32 2.42
CA TYR B 10 -4.71 -13.34 1.27
C TYR B 10 -3.77 -14.53 1.40
N PHE B 11 -3.24 -14.76 2.60
CA PHE B 11 -2.36 -15.94 2.77
C PHE B 11 -3.08 -17.25 2.43
N LYS B 12 -4.33 -17.36 2.87
CA LYS B 12 -5.11 -18.56 2.51
C LYS B 12 -5.22 -18.74 0.98
N TYR B 13 -5.53 -17.64 0.29
CA TYR B 13 -5.67 -17.68 -1.16
C TYR B 13 -4.36 -18.05 -1.85
N PHE B 14 -3.25 -17.43 -1.43
CA PHE B 14 -1.93 -17.81 -1.96
C PHE B 14 -1.72 -19.31 -1.82
N ASP B 15 -2.07 -19.84 -0.66
CA ASP B 15 -1.86 -21.26 -0.42
C ASP B 15 -2.67 -22.09 -1.42
N GLU B 16 -3.81 -21.56 -1.87
CA GLU B 16 -4.58 -22.26 -2.90
C GLU B 16 -4.16 -21.92 -4.35
N ASN B 17 -3.02 -21.26 -4.52
CA ASN B 17 -2.53 -20.80 -5.82
C ASN B 17 -3.49 -19.82 -6.48
N LYS B 18 -4.12 -18.99 -5.67
CA LYS B 18 -5.03 -17.98 -6.18
C LYS B 18 -4.47 -16.58 -5.95
N LEU B 19 -4.64 -15.70 -6.93
CA LEU B 19 -4.17 -14.33 -6.79
C LEU B 19 -5.36 -13.44 -6.49
N PRO B 20 -5.53 -13.05 -5.23
CA PRO B 20 -6.70 -12.22 -4.90
C PRO B 20 -6.46 -10.76 -5.22
N PHE B 21 -7.55 -10.03 -5.39
CA PHE B 21 -7.49 -8.57 -5.34
C PHE B 21 -8.83 -8.10 -4.83
N ILE B 22 -8.94 -6.80 -4.57
CA ILE B 22 -10.19 -6.27 -4.06
C ILE B 22 -10.86 -5.41 -5.12
N GLN B 23 -12.18 -5.58 -5.26
CA GLN B 23 -12.91 -4.67 -6.12
C GLN B 23 -13.96 -3.97 -5.28
N CYS B 24 -14.03 -2.66 -5.47
CA CYS B 24 -15.03 -1.84 -4.83
C CYS B 24 -16.37 -1.96 -5.56
N ASN B 25 -17.40 -2.36 -4.82
CA ASN B 25 -18.76 -2.46 -5.39
C ASN B 25 -19.41 -1.11 -5.62
N LYS B 26 -18.88 -0.07 -4.99
CA LYS B 26 -19.44 1.27 -5.10
C LYS B 26 -18.92 2.02 -6.33
N CYS B 27 -17.60 2.13 -6.46
CA CYS B 27 -17.05 2.94 -7.55
C CYS B 27 -16.39 2.11 -8.65
N GLY B 28 -16.22 0.81 -8.42
CA GLY B 28 -15.62 -0.04 -9.43
C GLY B 28 -14.11 -0.20 -9.36
N HIS B 29 -13.46 0.57 -8.50
CA HIS B 29 -11.99 0.54 -8.39
C HIS B 29 -11.46 -0.85 -8.02
N LYS B 30 -10.38 -1.26 -8.68
CA LYS B 30 -9.70 -2.51 -8.38
C LYS B 30 -8.34 -2.24 -7.74
N PHE B 31 -8.04 -2.93 -6.66
CA PHE B 31 -6.78 -2.69 -5.96
C PHE B 31 -6.31 -3.94 -5.23
N TYR B 32 -5.00 -4.12 -5.17
CA TYR B 32 -4.44 -5.37 -4.66
C TYR B 32 -4.18 -5.29 -3.17
N TYR B 33 -3.48 -4.24 -2.74
CA TYR B 33 -3.07 -4.12 -1.36
C TYR B 33 -4.30 -4.04 -0.46
N PRO B 34 -4.45 -5.00 0.46
CA PRO B 34 -5.73 -5.15 1.16
C PRO B 34 -6.03 -4.02 2.15
N ARG B 35 -7.22 -3.43 2.00
CA ARG B 35 -7.71 -2.39 2.92
C ARG B 35 -9.20 -2.60 3.11
N VAL B 36 -9.72 -2.07 4.22
CA VAL B 36 -11.17 -2.21 4.42
C VAL B 36 -11.98 -1.06 3.84
N LEU B 37 -11.37 -0.06 3.47
CA LEU B 37 -12.06 0.98 2.71
C LEU B 37 -11.39 1.14 1.37
N CYS B 38 -12.18 1.30 0.32
CA CYS B 38 -11.66 1.55 -1.02
C CYS B 38 -10.74 2.78 -1.00
N PRO B 39 -9.49 2.64 -1.52
CA PRO B 39 -8.60 3.80 -1.48
C PRO B 39 -9.02 4.93 -2.41
N LYS B 40 -9.89 4.63 -3.38
CA LYS B 40 -10.34 5.63 -4.35
C LYS B 40 -11.53 6.43 -3.83
N CYS B 41 -12.57 5.73 -3.38
CA CYS B 41 -13.83 6.40 -3.01
C CYS B 41 -14.15 6.30 -1.52
N GLY B 42 -13.45 5.43 -0.81
CA GLY B 42 -13.59 5.33 0.64
C GLY B 42 -14.69 4.40 1.10
N SER B 43 -15.39 3.77 0.17
CA SER B 43 -16.46 2.82 0.50
C SER B 43 -15.98 1.59 1.25
N SER B 44 -16.80 1.09 2.17
CA SER B 44 -16.52 -0.18 2.83
C SER B 44 -17.13 -1.37 2.07
N ASP B 45 -17.85 -1.09 0.98
CA ASP B 45 -18.58 -2.12 0.25
C ASP B 45 -17.66 -2.73 -0.81
N ILE B 46 -16.74 -3.56 -0.32
CA ILE B 46 -15.70 -4.14 -1.16
C ILE B 46 -15.82 -5.65 -1.13
N GLU B 47 -15.24 -6.30 -2.14
CA GLU B 47 -15.25 -7.76 -2.24
C GLU B 47 -13.94 -8.30 -2.77
N VAL B 48 -13.60 -9.51 -2.34
CA VAL B 48 -12.43 -10.19 -2.87
C VAL B 48 -12.77 -10.84 -4.21
N ARG B 49 -11.93 -10.57 -5.20
CA ARG B 49 -12.03 -11.24 -6.49
C ARG B 49 -10.73 -11.92 -6.79
N PHE B 50 -10.69 -12.70 -7.86
CA PHE B 50 -9.46 -13.40 -8.19
C PHE B 50 -9.01 -13.09 -9.61
N SER B 51 -7.72 -12.84 -9.74
CA SER B 51 -7.12 -12.52 -11.03
C SER B 51 -6.65 -13.79 -11.74
N LYS B 52 -6.69 -13.77 -13.06
CA LYS B 52 -6.15 -14.88 -13.84
C LYS B 52 -4.62 -14.96 -13.74
N GLY B 53 -3.99 -13.90 -13.26
CA GLY B 53 -2.55 -13.91 -13.02
C GLY B 53 -1.73 -13.54 -14.24
N LEU B 54 -2.39 -13.07 -15.28
CA LEU B 54 -1.67 -12.67 -16.48
C LEU B 54 -1.47 -11.16 -16.50
N GLY B 55 -0.24 -10.73 -16.81
CA GLY B 55 0.02 -9.30 -16.85
C GLY B 55 1.26 -8.92 -17.60
N LYS B 56 1.74 -7.70 -17.38
CA LYS B 56 2.97 -7.25 -18.00
C LYS B 56 3.82 -6.45 -17.01
N ILE B 57 5.11 -6.34 -17.29
CA ILE B 57 5.98 -5.52 -16.47
C ILE B 57 5.73 -4.04 -16.77
N PHE B 58 5.24 -3.33 -15.75
CA PHE B 58 4.98 -1.91 -15.84
C PHE B 58 6.24 -1.10 -15.55
N ALA B 59 7.00 -1.55 -14.55
CA ALA B 59 8.24 -0.93 -14.15
C ALA B 59 9.10 -1.94 -13.45
N MET B 60 10.40 -1.72 -13.47
CA MET B 60 11.31 -2.67 -12.84
C MET B 60 12.65 -2.05 -12.51
N THR B 61 13.30 -2.65 -11.52
CA THR B 61 14.65 -2.27 -11.17
C THR B 61 15.39 -3.54 -10.74
N LYS B 62 16.69 -3.55 -10.95
CA LYS B 62 17.49 -4.70 -10.59
C LYS B 62 18.20 -4.47 -9.27
N VAL B 63 18.14 -5.48 -8.43
CA VAL B 63 18.81 -5.40 -7.19
C VAL B 63 19.84 -6.54 -7.13
N TYR B 64 21.12 -6.18 -7.25
CA TYR B 64 22.16 -7.17 -7.34
C TYR B 64 22.50 -7.92 -6.08
N ARG B 65 22.94 -9.13 -6.30
CA ARG B 65 23.35 -10.00 -5.24
C ARG B 65 24.85 -10.18 -5.24
N LYS B 66 25.37 -10.72 -4.16
CA LYS B 66 26.80 -10.91 -4.07
C LYS B 66 27.45 -11.77 -5.13
N ASP B 67 26.77 -12.74 -5.71
CA ASP B 67 27.34 -13.53 -6.75
C ASP B 67 27.22 -12.88 -8.14
N GLY B 68 26.73 -11.66 -8.24
CA GLY B 68 26.63 -11.04 -9.53
C GLY B 68 25.26 -11.15 -10.17
N SER B 69 24.46 -12.04 -9.61
CA SER B 69 23.09 -12.20 -10.03
C SER B 69 22.24 -11.09 -9.41
N TYR B 70 21.02 -10.95 -9.91
CA TYR B 70 20.17 -9.92 -9.38
C TYR B 70 18.74 -10.37 -9.23
N VAL B 71 18.04 -9.72 -8.31
CA VAL B 71 16.65 -9.95 -8.17
C VAL B 71 15.93 -8.78 -8.83
N ILE B 72 14.84 -9.05 -9.50
CA ILE B 72 14.08 -7.98 -10.12
C ILE B 72 12.92 -7.57 -9.23
N TYR B 73 12.96 -6.28 -8.77
CA TYR B 73 11.90 -5.57 -7.98
C TYR B 73 11.03 -5.03 -9.14
N GLY B 74 9.73 -5.14 -9.08
CA GLY B 74 8.96 -4.46 -10.09
C GLY B 74 7.50 -4.21 -9.79
N ILE B 75 6.85 -3.53 -10.72
CA ILE B 75 5.41 -3.35 -10.70
C ILE B 75 4.84 -4.12 -11.86
N VAL B 76 3.87 -4.99 -11.56
CA VAL B 76 3.20 -5.76 -12.59
C VAL B 76 1.78 -5.24 -12.77
N GLU B 77 1.39 -5.02 -14.03
CA GLU B 77 0.02 -4.63 -14.33
C GLU B 77 -0.74 -5.86 -14.81
N LEU B 78 -1.77 -6.22 -14.05
CA LEU B 78 -2.60 -7.37 -14.39
C LEU B 78 -3.63 -6.98 -15.44
N GLU B 79 -4.07 -7.95 -16.23
CA GLU B 79 -5.02 -7.67 -17.29
C GLU B 79 -6.36 -7.18 -16.73
N GLU B 80 -6.68 -7.53 -15.49
CA GLU B 80 -7.92 -7.08 -14.86
C GLU B 80 -7.94 -5.56 -14.66
N GLY B 81 -6.76 -4.93 -14.75
CA GLY B 81 -6.67 -3.49 -14.69
C GLY B 81 -6.31 -2.94 -13.32
N PHE B 82 -5.39 -3.63 -12.64
CA PHE B 82 -4.77 -3.10 -11.43
C PHE B 82 -3.30 -3.47 -11.43
N ARG B 83 -2.50 -2.76 -10.64
CA ARG B 83 -1.07 -3.02 -10.51
C ARG B 83 -0.69 -3.52 -9.12
N MET B 84 0.43 -4.25 -9.04
CA MET B 84 0.97 -4.66 -7.75
C MET B 84 2.48 -4.73 -7.79
N TYR B 85 3.11 -4.53 -6.64
CA TYR B 85 4.56 -4.75 -6.53
C TYR B 85 4.85 -6.24 -6.38
N SER B 86 5.90 -6.69 -7.03
CA SER B 86 6.30 -8.10 -6.95
C SER B 86 7.72 -8.27 -7.42
N ASN B 87 8.37 -9.30 -6.90
CA ASN B 87 9.60 -9.76 -7.52
C ASN B 87 9.24 -10.50 -8.80
N ILE B 88 10.14 -10.42 -9.78
CA ILE B 88 9.89 -11.01 -11.08
C ILE B 88 11.00 -11.99 -11.39
N ILE B 89 10.62 -13.23 -11.67
CA ILE B 89 11.55 -14.28 -12.05
C ILE B 89 11.83 -14.16 -13.54
N GLU B 90 13.10 -13.98 -13.89
CA GLU B 90 13.48 -13.79 -15.29
C GLU B 90 13.79 -15.13 -15.96
N GLU B 91 12.85 -15.61 -16.74
CA GLU B 91 13.10 -16.75 -17.61
C GLU B 91 13.48 -16.17 -18.96
N SER B 92 12.51 -15.74 -19.76
CA SER B 92 12.84 -14.87 -20.89
C SER B 92 13.23 -13.49 -20.38
N GLN B 93 13.96 -12.74 -21.20
CA GLN B 93 14.51 -11.44 -20.79
C GLN B 93 13.43 -10.48 -20.27
N ALA B 94 13.69 -9.92 -19.09
CA ALA B 94 12.74 -8.98 -18.51
C ALA B 94 12.96 -7.58 -19.07
N ASP B 95 11.92 -7.04 -19.67
CA ASP B 95 11.91 -5.66 -20.16
C ASP B 95 10.57 -5.02 -19.80
N ILE B 96 10.50 -3.70 -19.88
CA ILE B 96 9.22 -3.02 -19.75
C ILE B 96 8.23 -3.60 -20.77
N ASN B 97 7.02 -3.85 -20.30
CA ASN B 97 5.90 -4.39 -21.09
C ASN B 97 6.02 -5.86 -21.49
N ARG B 98 7.10 -6.53 -21.07
CA ARG B 98 7.20 -7.98 -21.27
C ARG B 98 6.09 -8.66 -20.49
N LYS B 99 5.48 -9.67 -21.11
CA LYS B 99 4.39 -10.41 -20.49
C LYS B 99 4.88 -11.32 -19.36
N VAL B 100 4.11 -11.38 -18.30
CA VAL B 100 4.43 -12.20 -17.16
C VAL B 100 3.21 -12.96 -16.68
N GLU B 101 3.43 -14.02 -15.94
CA GLU B 101 2.37 -14.77 -15.34
C GLU B 101 2.71 -15.10 -13.90
N VAL B 102 1.70 -15.15 -13.08
CA VAL B 102 1.88 -15.44 -11.70
C VAL B 102 2.36 -16.86 -11.41
N ILE B 103 3.20 -17.01 -10.40
CA ILE B 103 3.62 -18.32 -9.96
C ILE B 103 3.79 -18.24 -8.44
N PHE B 104 3.34 -19.26 -7.73
CA PHE B 104 3.34 -19.20 -6.28
C PHE B 104 4.51 -19.98 -5.73
N LYS B 105 5.35 -19.30 -4.94
CA LYS B 105 6.55 -19.91 -4.40
C LYS B 105 6.47 -19.93 -2.89
N GLU B 106 7.00 -20.99 -2.29
CA GLU B 106 7.02 -21.11 -0.85
C GLU B 106 8.23 -20.38 -0.28
N ILE B 107 7.91 -19.48 0.62
CA ILE B 107 8.89 -18.68 1.26
C ILE B 107 8.72 -18.85 2.74
N ASN B 108 9.73 -19.49 3.33
CA ASN B 108 9.75 -19.78 4.75
C ASN B 108 8.46 -20.44 5.18
N GLY B 109 8.07 -21.46 4.44
CA GLY B 109 6.90 -22.26 4.73
C GLY B 109 5.56 -21.75 4.21
N LYS B 110 5.52 -20.51 3.70
CA LYS B 110 4.25 -19.96 3.20
C LYS B 110 4.34 -19.47 1.77
N LYS B 111 3.31 -19.78 0.99
CA LYS B 111 3.31 -19.44 -0.42
C LYS B 111 2.95 -17.97 -0.65
N TYR B 112 3.63 -17.36 -1.61
CA TYR B 112 3.39 -15.99 -2.02
C TYR B 112 3.40 -15.92 -3.53
N PRO B 113 2.70 -14.92 -4.09
CA PRO B 113 2.73 -14.73 -5.54
C PRO B 113 4.00 -14.01 -6.00
N LEU B 114 4.64 -14.59 -7.01
CA LEU B 114 5.68 -13.92 -7.76
C LEU B 114 5.21 -13.88 -9.21
N PHE B 115 5.99 -13.25 -10.07
CA PHE B 115 5.67 -13.29 -11.49
C PHE B 115 6.89 -13.77 -12.24
N LYS B 116 6.65 -14.53 -13.29
CA LYS B 116 7.72 -14.99 -14.17
C LYS B 116 7.49 -14.43 -15.56
N THR B 117 8.55 -14.04 -16.23
CA THR B 117 8.43 -13.64 -17.63
C THR B 117 8.04 -14.85 -18.47
N VAL B 118 7.27 -14.60 -19.52
CA VAL B 118 6.82 -15.67 -20.41
C VAL B 118 7.13 -15.36 -21.87
N THR B 119 6.90 -16.32 -22.74
CA THR B 119 7.17 -16.15 -24.16
C THR B 119 5.96 -15.56 -24.88
#